data_5DN7
#
_entry.id   5DN7
#
_cell.length_a   72.389
_cell.length_b   48.454
_cell.length_c   68.016
_cell.angle_alpha   90.00
_cell.angle_beta   90.00
_cell.angle_gamma   90.00
#
_symmetry.space_group_name_H-M   'P 21 21 2'
#
loop_
_entity.id
_entity.type
_entity.pdbx_description
1 polymer 'Protein FAM179B'
2 water water
#
_entity_poly.entity_id   1
_entity_poly.type   'polypeptide(L)'
_entity_poly.pdbx_seq_one_letter_code
;GSHMDAAPCVVNLSSSNLKFEIIPQELHARLLDQEDYKNRTQAVEELKQLLGKFNPSSTPHASLVGFISLLYNLLDDSNF
KVVHGTLQVLHLLVIRLGEQVQQFLGPVIAASVKVLADNKLVIKQEYMKIFLKLMKEVGPQRVLSLLLENLKHKHSRVRE
EVVNICICSLLTYPSEDFDLPKLSFDLAPALVDSKRRVRQAALEAFAVLASSMGSGKTNVLFKAVDTVELQDNGDGVMNA
VQARLARKTLPRLTEQGFVEYAILMPSSAQGRSSHLAHGADTDWLMSGNRTQS
;
_entity_poly.pdbx_strand_id   A
#
# COMPACT_ATOMS: atom_id res chain seq x y z
N LEU A 18 -4.29 -20.63 25.28
CA LEU A 18 -4.34 -19.83 24.04
C LEU A 18 -3.44 -18.61 24.08
N LYS A 19 -2.40 -18.62 23.25
CA LYS A 19 -1.50 -17.49 23.09
C LYS A 19 -2.26 -16.33 22.43
N PHE A 20 -2.08 -15.12 22.96
CA PHE A 20 -2.81 -13.95 22.48
C PHE A 20 -4.32 -14.14 22.48
N GLU A 21 -4.80 -15.11 23.27
CA GLU A 21 -6.21 -15.51 23.30
C GLU A 21 -6.69 -16.14 21.99
N ILE A 22 -5.76 -16.48 21.10
CA ILE A 22 -6.12 -16.99 19.78
C ILE A 22 -5.42 -18.29 19.45
N ILE A 23 -4.10 -18.34 19.63
CA ILE A 23 -3.28 -19.44 19.15
C ILE A 23 -2.96 -20.46 20.23
N PRO A 24 -3.37 -21.72 20.04
CA PRO A 24 -2.93 -22.86 20.84
C PRO A 24 -1.41 -22.95 20.90
N GLN A 25 -0.83 -23.12 22.09
CA GLN A 25 0.64 -23.13 22.28
C GLN A 25 1.37 -24.06 21.30
N GLU A 26 0.75 -25.16 20.91
CA GLU A 26 1.39 -26.04 19.92
C GLU A 26 1.46 -25.42 18.55
N LEU A 27 0.39 -24.80 18.09
CA LEU A 27 0.47 -24.05 16.84
C LEU A 27 1.46 -22.89 16.93
N HIS A 28 1.48 -22.20 18.07
CA HIS A 28 2.40 -21.10 18.27
C HIS A 28 3.82 -21.57 18.12
N ALA A 29 4.13 -22.68 18.79
CA ALA A 29 5.45 -23.29 18.71
C ALA A 29 5.79 -23.65 17.27
N ARG A 30 4.85 -24.25 16.54
CA ARG A 30 5.11 -24.53 15.12
C ARG A 30 5.29 -23.28 14.26
N LEU A 31 4.72 -22.15 14.69
CA LEU A 31 4.82 -20.90 13.95
C LEU A 31 6.16 -20.24 14.22
N LEU A 32 6.67 -20.36 15.44
CA LEU A 32 7.93 -19.72 15.78
C LEU A 32 9.17 -20.59 15.53
N ASP A 33 9.03 -21.89 15.58
CA ASP A 33 10.19 -22.72 15.32
C ASP A 33 10.27 -23.24 13.91
N ASN A 39 8.44 -26.33 7.59
CA ASN A 39 7.03 -26.25 7.21
C ASN A 39 6.26 -25.30 8.13
N ARG A 40 6.56 -24.01 8.02
CA ARG A 40 5.79 -23.00 8.73
C ARG A 40 4.47 -22.74 8.01
N THR A 41 4.44 -23.04 6.71
CA THR A 41 3.31 -22.70 5.85
C THR A 41 1.99 -23.36 6.29
N GLN A 42 2.07 -24.63 6.63
CA GLN A 42 0.92 -25.34 7.12
C GLN A 42 0.41 -24.76 8.42
N ALA A 43 1.32 -24.41 9.33
CA ALA A 43 1.00 -23.77 10.59
C ALA A 43 0.25 -22.46 10.33
N VAL A 44 0.81 -21.64 9.45
CA VAL A 44 0.20 -20.39 9.05
C VAL A 44 -1.23 -20.58 8.50
N GLU A 45 -1.43 -21.61 7.69
CA GLU A 45 -2.76 -21.80 7.13
C GLU A 45 -3.75 -22.28 8.20
N GLU A 46 -3.26 -23.13 9.11
CA GLU A 46 -4.01 -23.50 10.30
C GLU A 46 -4.48 -22.23 11.04
N LEU A 47 -3.54 -21.32 11.28
CA LEU A 47 -3.82 -20.04 11.89
C LEU A 47 -4.93 -19.31 11.16
N LYS A 48 -4.85 -19.26 9.84
CA LYS A 48 -5.92 -18.65 9.05
C LYS A 48 -7.29 -19.28 9.35
N GLN A 49 -7.28 -20.61 9.44
CA GLN A 49 -8.50 -21.33 9.78
C GLN A 49 -9.05 -20.85 11.11
N LEU A 50 -8.17 -20.77 12.12
CA LEU A 50 -8.61 -20.29 13.43
C LEU A 50 -9.18 -18.89 13.36
N LEU A 51 -8.59 -18.03 12.55
CA LEU A 51 -9.06 -16.67 12.40
C LEU A 51 -10.45 -16.61 11.82
N GLY A 52 -10.74 -17.54 10.96
CA GLY A 52 -12.07 -17.58 10.37
C GLY A 52 -13.22 -17.26 11.33
N LYS A 53 -13.29 -17.97 12.45
CA LYS A 53 -14.32 -17.70 13.45
C LYS A 53 -13.70 -17.15 14.74
N PHE A 54 -13.34 -15.86 14.71
CA PHE A 54 -12.67 -15.21 15.83
C PHE A 54 -13.15 -13.77 15.94
N ASN A 55 -13.36 -13.29 17.17
CA ASN A 55 -13.91 -11.95 17.37
C ASN A 55 -13.01 -11.05 18.18
N PRO A 56 -12.14 -10.29 17.49
CA PRO A 56 -11.14 -9.43 18.15
C PRO A 56 -11.77 -8.34 19.03
N SER A 57 -13.08 -8.10 18.90
CA SER A 57 -13.77 -7.17 19.78
C SER A 57 -13.96 -7.79 21.17
N SER A 58 -13.70 -9.08 21.28
CA SER A 58 -13.70 -9.81 22.55
C SER A 58 -12.31 -10.00 23.07
N THR A 59 -11.35 -9.58 22.28
CA THR A 59 -9.93 -9.75 22.58
C THR A 59 -9.36 -8.47 23.13
N PRO A 60 -8.69 -8.56 24.29
CA PRO A 60 -7.98 -7.40 24.84
C PRO A 60 -6.93 -6.84 23.89
N HIS A 61 -6.83 -5.50 23.89
CA HIS A 61 -5.90 -4.76 23.07
C HIS A 61 -4.47 -5.30 23.10
N ALA A 62 -3.96 -5.59 24.30
CA ALA A 62 -2.59 -6.07 24.48
C ALA A 62 -2.33 -7.36 23.71
N SER A 63 -3.30 -8.27 23.76
CA SER A 63 -3.21 -9.52 23.03
C SER A 63 -3.19 -9.29 21.52
N LEU A 64 -4.08 -8.44 21.02
CA LEU A 64 -4.08 -8.09 19.59
C LEU A 64 -2.74 -7.50 19.12
N VAL A 65 -2.15 -6.68 20.00
CA VAL A 65 -0.80 -6.13 19.76
C VAL A 65 0.23 -7.25 19.65
N GLY A 66 0.15 -8.21 20.57
CA GLY A 66 1.02 -9.38 20.49
C GLY A 66 0.88 -10.13 19.18
N PHE A 67 -0.35 -10.45 18.82
CA PHE A 67 -0.67 -11.20 17.59
C PHE A 67 -0.11 -10.51 16.35
N ILE A 68 -0.40 -9.22 16.24
CA ILE A 68 0.07 -8.45 15.10
C ILE A 68 1.59 -8.43 15.08
N SER A 69 2.21 -8.37 16.26
CA SER A 69 3.67 -8.42 16.39
C SER A 69 4.23 -9.74 15.81
N LEU A 70 3.59 -10.84 16.17
CA LEU A 70 3.90 -12.15 15.63
C LEU A 70 3.82 -12.17 14.09
N LEU A 71 2.71 -11.68 13.55
CA LEU A 71 2.56 -11.59 12.09
C LEU A 71 3.69 -10.77 11.47
N TYR A 72 4.07 -9.69 12.14
CA TYR A 72 5.13 -8.83 11.63
C TYR A 72 6.44 -9.60 11.56
N ASN A 73 6.72 -10.41 12.56
CA ASN A 73 7.88 -11.25 12.49
C ASN A 73 7.83 -12.31 11.42
N LEU A 74 6.67 -12.89 11.21
CA LEU A 74 6.52 -13.93 10.21
C LEU A 74 6.76 -13.40 8.79
N LEU A 75 6.54 -12.10 8.58
CA LEU A 75 6.78 -11.50 7.28
C LEU A 75 8.28 -11.34 7.00
N ASP A 76 9.12 -11.67 7.98
CA ASP A 76 10.57 -11.66 7.78
C ASP A 76 11.09 -12.97 7.20
N ASP A 77 10.21 -13.95 7.07
CA ASP A 77 10.60 -15.25 6.56
C ASP A 77 11.28 -15.16 5.20
N SER A 78 12.32 -15.97 5.00
CA SER A 78 13.00 -16.04 3.70
C SER A 78 12.14 -16.73 2.66
N ASN A 79 11.22 -17.56 3.12
CA ASN A 79 10.33 -18.29 2.24
C ASN A 79 9.08 -17.49 1.90
N PHE A 80 8.95 -17.10 0.63
CA PHE A 80 7.87 -16.20 0.23
C PHE A 80 6.49 -16.81 0.42
N LYS A 81 6.40 -18.14 0.54
CA LYS A 81 5.11 -18.79 0.71
C LYS A 81 4.59 -18.60 2.14
N VAL A 82 5.52 -18.57 3.08
CA VAL A 82 5.23 -18.20 4.46
C VAL A 82 4.79 -16.74 4.51
N VAL A 83 5.51 -15.86 3.83
CA VAL A 83 5.12 -14.47 3.77
C VAL A 83 3.71 -14.33 3.21
N HIS A 84 3.43 -15.05 2.12
CA HIS A 84 2.12 -15.00 1.46
C HIS A 84 1.01 -15.44 2.41
N GLY A 85 1.21 -16.59 3.07
CA GLY A 85 0.23 -17.08 4.02
C GLY A 85 0.01 -16.13 5.19
N THR A 86 1.09 -15.53 5.68
CA THR A 86 0.97 -14.58 6.78
C THR A 86 0.16 -13.37 6.32
N LEU A 87 0.44 -12.86 5.13
CA LEU A 87 -0.32 -11.75 4.55
C LEU A 87 -1.79 -12.09 4.45
N GLN A 88 -2.10 -13.33 4.09
CA GLN A 88 -3.50 -13.77 4.12
C GLN A 88 -4.11 -13.72 5.53
N VAL A 89 -3.34 -14.18 6.51
CA VAL A 89 -3.79 -14.08 7.90
C VAL A 89 -4.05 -12.62 8.32
N LEU A 90 -3.13 -11.74 7.95
CA LEU A 90 -3.21 -10.32 8.26
C LEU A 90 -4.42 -9.67 7.58
N HIS A 91 -4.65 -10.03 6.33
CA HIS A 91 -5.82 -9.55 5.61
C HIS A 91 -7.09 -9.95 6.32
N LEU A 92 -7.16 -11.23 6.69
CA LEU A 92 -8.35 -11.74 7.36
C LEU A 92 -8.55 -11.01 8.70
N LEU A 93 -7.45 -10.82 9.43
CA LEU A 93 -7.51 -10.12 10.71
C LEU A 93 -8.09 -8.73 10.51
N VAL A 94 -7.54 -8.01 9.54
CA VAL A 94 -8.02 -6.68 9.19
C VAL A 94 -9.52 -6.74 8.92
N ILE A 95 -9.95 -7.72 8.15
CA ILE A 95 -11.35 -7.91 7.90
C ILE A 95 -12.16 -8.06 9.20
N ARG A 96 -11.77 -8.96 10.07
CA ARG A 96 -12.47 -9.22 11.30
C ARG A 96 -12.49 -7.99 12.20
N LEU A 97 -11.44 -7.21 12.15
CA LEU A 97 -11.30 -6.05 12.99
C LEU A 97 -12.31 -4.96 12.75
N GLY A 98 -12.59 -4.65 11.50
CA GLY A 98 -13.46 -3.55 11.20
C GLY A 98 -12.91 -2.22 11.64
N GLU A 99 -13.67 -1.49 12.44
CA GLU A 99 -13.26 -0.17 12.91
C GLU A 99 -12.03 -0.28 13.79
N GLN A 100 -11.90 -1.39 14.46
CA GLN A 100 -10.85 -1.56 15.39
C GLN A 100 -9.52 -1.44 14.64
N VAL A 101 -9.55 -1.50 13.32
CA VAL A 101 -8.32 -1.41 12.59
C VAL A 101 -7.74 -0.06 12.78
N GLN A 102 -8.58 0.90 13.06
CA GLN A 102 -8.12 2.27 13.20
C GLN A 102 -7.08 2.27 14.31
N GLN A 103 -7.33 1.47 15.34
CA GLN A 103 -6.41 1.37 16.43
C GLN A 103 -5.12 0.78 15.95
N PHE A 104 -5.13 0.01 14.88
CA PHE A 104 -3.82 -0.57 14.54
C PHE A 104 -3.24 -0.14 13.19
N LEU A 105 -3.61 1.06 12.76
CA LEU A 105 -3.26 1.53 11.43
C LEU A 105 -1.75 1.54 11.16
N GLY A 106 -1.01 2.03 12.16
CA GLY A 106 0.44 2.15 12.08
C GLY A 106 1.17 0.83 11.89
N PRO A 107 0.99 -0.10 12.84
CA PRO A 107 1.52 -1.46 12.74
C PRO A 107 1.11 -2.18 11.44
N VAL A 108 -0.16 -2.15 11.06
CA VAL A 108 -0.59 -2.86 9.87
C VAL A 108 0.10 -2.25 8.64
N ILE A 109 0.22 -0.92 8.61
CA ILE A 109 0.90 -0.29 7.47
C ILE A 109 2.41 -0.61 7.46
N ALA A 110 3.08 -0.68 8.62
CA ALA A 110 4.50 -1.03 8.62
C ALA A 110 4.67 -2.45 8.10
N ALA A 111 3.81 -3.34 8.60
CA ALA A 111 3.80 -4.73 8.13
C ALA A 111 3.61 -4.80 6.62
N SER A 112 2.72 -3.99 6.09
CA SER A 112 2.44 -4.06 4.67
C SER A 112 3.55 -3.45 3.81
N VAL A 113 4.21 -2.42 4.34
CA VAL A 113 5.29 -1.80 3.60
C VAL A 113 6.49 -2.76 3.51
N LYS A 114 6.75 -3.51 4.59
CA LYS A 114 7.83 -4.51 4.55
C LYS A 114 7.81 -5.42 3.30
N VAL A 115 6.63 -5.93 2.92
CA VAL A 115 6.56 -6.89 1.82
C VAL A 115 6.46 -6.23 0.44
N LEU A 116 6.47 -4.91 0.38
CA LEU A 116 6.42 -4.22 -0.91
C LEU A 116 7.70 -4.43 -1.74
N ALA A 117 8.80 -4.79 -1.07
CA ALA A 117 10.06 -5.06 -1.74
C ALA A 117 9.99 -6.36 -2.50
N ASP A 118 8.99 -7.19 -2.17
CA ASP A 118 8.90 -8.51 -2.74
C ASP A 118 8.12 -8.48 -4.05
N ASN A 119 8.82 -8.78 -5.13
CA ASN A 119 8.31 -8.54 -6.47
C ASN A 119 7.43 -9.67 -6.99
N LYS A 120 6.59 -10.23 -6.14
CA LYS A 120 5.80 -11.40 -6.55
C LYS A 120 4.32 -11.07 -6.60
N LEU A 121 3.68 -11.52 -7.67
CA LEU A 121 2.28 -11.22 -7.87
C LEU A 121 1.41 -11.76 -6.73
N VAL A 122 1.66 -12.94 -6.18
CA VAL A 122 0.76 -13.43 -5.10
C VAL A 122 0.82 -12.49 -3.86
N ILE A 123 2.04 -12.05 -3.58
CA ILE A 123 2.29 -11.11 -2.52
C ILE A 123 1.53 -9.82 -2.77
N LYS A 124 1.76 -9.20 -3.93
CA LYS A 124 1.07 -7.97 -4.33
C LYS A 124 -0.46 -8.10 -4.27
N GLN A 125 -1.01 -9.27 -4.65
CA GLN A 125 -2.44 -9.52 -4.48
C GLN A 125 -2.85 -9.29 -3.03
N GLU A 126 -2.13 -9.94 -2.12
CA GLU A 126 -2.52 -9.79 -0.73
C GLU A 126 -2.31 -8.37 -0.18
N TYR A 127 -1.18 -7.72 -0.49
CA TYR A 127 -1.04 -6.42 0.15
C TYR A 127 -1.94 -5.36 -0.49
N MET A 128 -2.30 -5.52 -1.76
CA MET A 128 -3.28 -4.61 -2.35
C MET A 128 -4.65 -4.79 -1.68
N LYS A 129 -5.02 -6.05 -1.41
CA LYS A 129 -6.24 -6.27 -0.63
C LYS A 129 -6.19 -5.51 0.71
N ILE A 130 -5.07 -5.67 1.42
CA ILE A 130 -4.94 -5.01 2.71
C ILE A 130 -5.07 -3.48 2.59
N PHE A 131 -4.28 -2.85 1.72
CA PHE A 131 -4.33 -1.39 1.61
C PHE A 131 -5.72 -0.86 1.19
N LEU A 132 -6.44 -1.58 0.32
CA LEU A 132 -7.77 -1.13 -0.07
C LEU A 132 -8.74 -1.25 1.10
N LYS A 133 -8.62 -2.32 1.87
CA LYS A 133 -9.45 -2.42 3.08
C LYS A 133 -9.18 -1.24 4.04
N LEU A 134 -7.89 -0.98 4.28
CA LEU A 134 -7.49 0.13 5.14
C LEU A 134 -8.12 1.44 4.66
N MET A 135 -8.01 1.71 3.36
CA MET A 135 -8.58 2.95 2.83
C MET A 135 -10.09 3.00 3.01
N LYS A 136 -10.73 1.86 2.85
CA LYS A 136 -12.17 1.77 3.04
C LYS A 136 -12.55 2.11 4.48
N GLU A 137 -11.72 1.70 5.44
CA GLU A 137 -12.07 1.84 6.84
C GLU A 137 -11.71 3.20 7.46
N VAL A 138 -10.54 3.74 7.15
CA VAL A 138 -10.14 5.02 7.74
C VAL A 138 -10.01 6.15 6.72
N GLY A 139 -10.41 5.90 5.48
CA GLY A 139 -10.33 6.92 4.46
C GLY A 139 -8.96 6.94 3.78
N PRO A 140 -8.96 7.16 2.46
CA PRO A 140 -7.77 7.09 1.60
C PRO A 140 -6.69 8.11 1.93
N GLN A 141 -7.07 9.33 2.28
CA GLN A 141 -6.06 10.36 2.51
C GLN A 141 -5.14 10.01 3.70
N ARG A 142 -5.72 9.65 4.84
CA ARG A 142 -4.93 9.17 5.99
C ARG A 142 -3.89 8.09 5.60
N VAL A 143 -4.42 6.98 5.05
CA VAL A 143 -3.60 5.86 4.56
C VAL A 143 -2.46 6.40 3.70
N LEU A 144 -2.78 7.25 2.73
CA LEU A 144 -1.77 7.73 1.80
C LEU A 144 -0.72 8.62 2.45
N SER A 145 -1.07 9.44 3.44
CA SER A 145 -0.05 10.30 4.06
C SER A 145 0.96 9.46 4.85
N LEU A 146 0.39 8.55 5.67
CA LEU A 146 1.25 7.60 6.37
C LEU A 146 2.15 6.90 5.37
N LEU A 147 1.55 6.36 4.32
CA LEU A 147 2.26 5.56 3.35
C LEU A 147 3.34 6.32 2.60
N LEU A 148 3.07 7.58 2.33
CA LEU A 148 3.94 8.42 1.51
C LEU A 148 5.17 8.84 2.26
N GLU A 149 5.21 8.73 3.56
CA GLU A 149 6.45 8.90 4.27
C GLU A 149 7.51 7.88 3.79
N ASN A 150 7.08 6.80 3.17
CA ASN A 150 8.00 5.77 2.73
C ASN A 150 8.57 6.02 1.36
N LEU A 151 8.34 7.21 0.83
CA LEU A 151 9.09 7.64 -0.34
C LEU A 151 10.57 7.88 -0.03
N LYS A 152 10.94 7.90 1.23
CA LYS A 152 12.36 8.02 1.59
C LYS A 152 12.96 6.65 1.87
N HIS A 153 12.24 5.59 1.58
CA HIS A 153 12.72 4.23 1.77
C HIS A 153 13.86 3.88 0.83
N LYS A 154 14.85 3.17 1.31
CA LYS A 154 16.02 2.87 0.48
C LYS A 154 15.78 1.80 -0.63
N HIS A 155 14.72 1.02 -0.53
CA HIS A 155 14.42 0.06 -1.59
C HIS A 155 13.52 0.71 -2.65
N SER A 156 14.01 0.81 -3.89
CA SER A 156 13.25 1.48 -4.94
C SER A 156 11.91 0.79 -5.29
N ARG A 157 11.76 -0.51 -5.05
CA ARG A 157 10.48 -1.18 -5.27
CA ARG A 157 10.46 -1.13 -5.30
C ARG A 157 9.42 -0.66 -4.27
N VAL A 158 9.86 -0.38 -3.05
CA VAL A 158 8.98 0.19 -2.04
C VAL A 158 8.46 1.54 -2.54
N ARG A 159 9.36 2.38 -3.02
CA ARG A 159 8.98 3.70 -3.53
C ARG A 159 7.98 3.58 -4.70
N GLU A 160 8.35 2.71 -5.64
CA GLU A 160 7.52 2.44 -6.81
C GLU A 160 6.08 2.06 -6.43
N GLU A 161 5.97 1.07 -5.53
CA GLU A 161 4.68 0.60 -5.06
C GLU A 161 3.91 1.60 -4.21
N VAL A 162 4.61 2.45 -3.46
CA VAL A 162 3.95 3.56 -2.78
C VAL A 162 3.23 4.41 -3.82
N VAL A 163 3.96 4.76 -4.87
CA VAL A 163 3.33 5.57 -5.91
C VAL A 163 2.13 4.82 -6.57
N ASN A 164 2.30 3.52 -6.83
CA ASN A 164 1.21 2.80 -7.48
C ASN A 164 -0.03 2.68 -6.58
N ILE A 165 0.19 2.54 -5.28
CA ILE A 165 -0.92 2.47 -4.33
C ILE A 165 -1.64 3.82 -4.26
N CYS A 166 -0.86 4.90 -4.38
CA CYS A 166 -1.49 6.23 -4.52
C CYS A 166 -2.38 6.28 -5.78
N ILE A 167 -1.86 5.79 -6.92
CA ILE A 167 -2.65 5.77 -8.16
C ILE A 167 -3.95 5.00 -7.97
N CYS A 168 -3.81 3.83 -7.37
CA CYS A 168 -4.94 2.97 -7.10
C CYS A 168 -6.02 3.71 -6.26
N SER A 169 -5.55 4.36 -5.21
CA SER A 169 -6.37 5.17 -4.33
C SER A 169 -7.14 6.26 -5.10
N LEU A 170 -6.45 6.99 -5.96
CA LEU A 170 -7.04 8.11 -6.65
C LEU A 170 -8.01 7.63 -7.74
N LEU A 171 -7.84 6.39 -8.18
CA LEU A 171 -8.80 5.81 -9.13
C LEU A 171 -9.98 5.11 -8.43
N THR A 172 -9.88 4.90 -7.12
CA THR A 172 -10.94 4.21 -6.40
C THR A 172 -11.91 5.18 -5.68
N TYR A 173 -11.40 6.36 -5.32
CA TYR A 173 -12.12 7.31 -4.49
C TYR A 173 -12.29 8.64 -5.21
N PRO A 174 -13.42 9.34 -4.95
CA PRO A 174 -13.66 10.65 -5.60
C PRO A 174 -12.64 11.72 -5.20
N SER A 175 -12.50 12.75 -6.03
CA SER A 175 -11.53 13.83 -5.84
C SER A 175 -11.60 14.48 -4.46
N GLU A 176 -12.81 14.65 -3.92
CA GLU A 176 -12.97 15.41 -2.71
C GLU A 176 -12.54 14.65 -1.47
N ASP A 177 -12.27 13.35 -1.59
CA ASP A 177 -11.72 12.60 -0.46
C ASP A 177 -10.22 12.91 -0.27
N PHE A 178 -9.64 13.64 -1.20
CA PHE A 178 -8.21 13.92 -1.19
C PHE A 178 -7.90 15.40 -1.07
N ASP A 179 -6.79 15.68 -0.40
CA ASP A 179 -6.15 16.99 -0.47
C ASP A 179 -5.15 16.93 -1.63
N LEU A 180 -5.61 17.30 -2.82
CA LEU A 180 -4.82 17.06 -4.01
C LEU A 180 -3.54 17.90 -4.14
N PRO A 181 -3.54 19.18 -3.71
CA PRO A 181 -2.26 19.91 -3.64
C PRO A 181 -1.23 19.22 -2.76
N LYS A 182 -1.67 18.83 -1.56
CA LYS A 182 -0.78 18.18 -0.63
C LYS A 182 -0.21 16.93 -1.28
N LEU A 183 -1.11 16.16 -1.87
CA LEU A 183 -0.79 14.90 -2.52
C LEU A 183 0.28 15.13 -3.60
N SER A 184 0.05 16.11 -4.48
CA SER A 184 1.00 16.31 -5.56
C SER A 184 2.37 16.81 -5.05
N PHE A 185 2.38 17.57 -3.97
CA PHE A 185 3.65 17.99 -3.40
C PHE A 185 4.37 16.83 -2.76
N ASP A 186 3.62 15.92 -2.16
CA ASP A 186 4.19 14.72 -1.55
C ASP A 186 4.71 13.76 -2.61
N LEU A 187 4.11 13.79 -3.80
CA LEU A 187 4.46 12.82 -4.86
C LEU A 187 5.52 13.36 -5.80
N ALA A 188 5.65 14.68 -5.89
CA ALA A 188 6.60 15.30 -6.81
C ALA A 188 8.05 14.80 -6.68
N PRO A 189 8.52 14.40 -5.47
CA PRO A 189 9.90 13.90 -5.44
C PRO A 189 10.10 12.62 -6.24
N ALA A 190 9.04 11.85 -6.44
CA ALA A 190 9.17 10.63 -7.19
C ALA A 190 9.41 10.93 -8.68
N LEU A 191 9.03 12.13 -9.10
CA LEU A 191 9.26 12.58 -10.47
C LEU A 191 10.75 12.70 -10.77
N VAL A 192 11.58 12.90 -9.75
CA VAL A 192 13.01 13.02 -9.95
C VAL A 192 13.79 11.88 -9.30
N ASP A 193 13.13 10.74 -9.08
CA ASP A 193 13.79 9.61 -8.45
C ASP A 193 14.91 9.11 -9.37
N SER A 194 15.93 8.50 -8.78
CA SER A 194 17.05 7.96 -9.54
C SER A 194 16.60 6.79 -10.42
N LYS A 195 15.52 6.13 -10.02
CA LYS A 195 15.07 4.93 -10.71
C LYS A 195 13.91 5.19 -11.67
N ARG A 196 14.12 4.77 -12.91
CA ARG A 196 13.19 5.02 -14.00
C ARG A 196 11.75 4.59 -13.70
N ARG A 197 11.57 3.45 -13.06
CA ARG A 197 10.24 2.91 -12.75
C ARG A 197 9.45 3.77 -11.78
N VAL A 198 10.18 4.41 -10.86
CA VAL A 198 9.55 5.27 -9.89
C VAL A 198 9.08 6.51 -10.63
N ARG A 199 9.91 7.02 -11.52
CA ARG A 199 9.57 8.20 -12.30
C ARG A 199 8.36 7.94 -13.22
N GLN A 200 8.34 6.77 -13.85
CA GLN A 200 7.24 6.38 -14.70
C GLN A 200 5.93 6.27 -13.91
N ALA A 201 6.03 5.70 -12.71
CA ALA A 201 4.90 5.61 -11.80
C ALA A 201 4.39 7.00 -11.44
N ALA A 202 5.32 7.90 -11.12
CA ALA A 202 4.98 9.26 -10.69
C ALA A 202 4.33 10.07 -11.81
N LEU A 203 4.77 9.88 -13.05
CA LEU A 203 4.13 10.55 -14.17
C LEU A 203 2.69 10.05 -14.34
N GLU A 204 2.47 8.74 -14.24
CA GLU A 204 1.08 8.25 -14.26
C GLU A 204 0.24 8.86 -13.15
N ALA A 205 0.84 8.92 -11.96
CA ALA A 205 0.13 9.51 -10.83
C ALA A 205 -0.21 10.95 -11.15
N PHE A 206 0.71 11.69 -11.76
CA PHE A 206 0.45 13.09 -12.08
C PHE A 206 -0.66 13.22 -13.14
N ALA A 207 -0.74 12.28 -14.08
CA ALA A 207 -1.85 12.29 -15.03
C ALA A 207 -3.19 12.15 -14.30
N VAL A 208 -3.23 11.21 -13.33
CA VAL A 208 -4.46 11.05 -12.55
C VAL A 208 -4.79 12.28 -11.67
N LEU A 209 -3.77 12.90 -11.09
CA LEU A 209 -3.99 14.13 -10.35
C LEU A 209 -4.56 15.22 -11.26
N ALA A 210 -3.97 15.40 -12.44
CA ALA A 210 -4.48 16.40 -13.39
C ALA A 210 -5.94 16.15 -13.71
N SER A 211 -6.27 14.89 -13.97
CA SER A 211 -7.65 14.52 -14.26
C SER A 211 -8.59 14.78 -13.09
N SER A 212 -8.10 14.59 -11.87
CA SER A 212 -8.95 14.71 -10.69
C SER A 212 -9.16 16.15 -10.24
N MET A 213 -8.16 16.99 -10.50
CA MET A 213 -8.26 18.41 -10.21
C MET A 213 -9.16 19.13 -11.20
N GLY A 214 -9.31 18.56 -12.39
CA GLY A 214 -9.96 19.25 -13.50
C GLY A 214 -8.98 20.25 -14.09
N SER A 215 -9.07 20.47 -15.40
CA SER A 215 -8.05 21.24 -16.14
C SER A 215 -7.87 22.69 -15.65
N GLY A 216 -8.88 23.23 -14.98
CA GLY A 216 -8.82 24.57 -14.45
C GLY A 216 -7.96 24.72 -13.21
N LYS A 217 -7.22 23.66 -12.86
CA LYS A 217 -6.31 23.67 -11.71
C LYS A 217 -5.04 22.82 -11.85
N THR A 218 -4.39 22.86 -13.02
CA THR A 218 -3.14 22.14 -13.26
C THR A 218 -1.92 22.97 -12.77
N ASN A 219 -2.28 24.19 -12.43
CA ASN A 219 -1.34 25.20 -12.06
C ASN A 219 -0.56 24.71 -10.84
N VAL A 220 -1.23 24.06 -9.95
CA VAL A 220 -0.69 23.57 -8.69
C VAL A 220 0.25 22.40 -8.96
N LEU A 221 0.00 21.65 -10.04
CA LEU A 221 0.86 20.56 -10.44
C LEU A 221 2.18 21.09 -10.95
N PHE A 222 2.10 22.20 -11.67
CA PHE A 222 3.35 22.81 -12.13
C PHE A 222 4.14 23.46 -10.97
N LYS A 223 3.47 23.96 -9.95
CA LYS A 223 4.14 24.41 -8.79
C LYS A 223 4.81 23.23 -8.06
N ALA A 224 4.11 22.11 -7.96
CA ALA A 224 4.69 20.91 -7.40
C ALA A 224 5.97 20.51 -8.15
N VAL A 225 5.93 20.54 -9.47
CA VAL A 225 7.12 20.23 -10.26
C VAL A 225 8.21 21.27 -9.96
N ASP A 226 7.81 22.51 -9.70
CA ASP A 226 8.81 23.53 -9.40
C ASP A 226 9.55 23.22 -8.12
N THR A 227 8.86 22.65 -7.13
CA THR A 227 9.56 22.30 -5.88
C THR A 227 10.65 21.21 -6.01
N VAL A 228 10.73 20.53 -7.15
CA VAL A 228 11.74 19.48 -7.24
C VAL A 228 12.67 19.62 -8.44
N GLU A 229 12.48 20.63 -9.29
CA GLU A 229 13.43 20.83 -10.38
C GLU A 229 13.85 22.28 -10.64
N LEU A 230 12.95 23.11 -11.16
CA LEU A 230 13.31 24.50 -11.56
C LEU A 230 14.33 24.48 -12.70
N GLY A 236 13.02 19.53 -18.18
CA GLY A 236 13.31 18.10 -18.10
C GLY A 236 12.13 17.37 -17.50
N VAL A 237 11.93 17.57 -16.20
CA VAL A 237 10.78 17.00 -15.51
C VAL A 237 9.53 17.74 -15.95
N MET A 238 9.68 19.05 -16.13
CA MET A 238 8.61 19.87 -16.65
C MET A 238 8.16 19.35 -18.03
N ASN A 239 9.15 19.09 -18.88
CA ASN A 239 8.86 18.60 -20.24
C ASN A 239 8.16 17.24 -20.25
N ALA A 240 8.67 16.30 -19.48
CA ALA A 240 8.04 15.00 -19.34
C ALA A 240 6.63 15.09 -18.74
N VAL A 241 6.44 15.92 -17.72
CA VAL A 241 5.11 16.09 -17.13
C VAL A 241 4.13 16.62 -18.16
N GLN A 242 4.53 17.64 -18.89
CA GLN A 242 3.68 18.22 -19.90
C GLN A 242 3.38 17.24 -21.03
N ALA A 243 4.40 16.50 -21.44
CA ALA A 243 4.22 15.49 -22.47
C ALA A 243 3.20 14.47 -22.00
N ARG A 244 3.35 13.96 -20.77
CA ARG A 244 2.40 13.00 -20.21
C ARG A 244 0.98 13.57 -20.12
N LEU A 245 0.84 14.80 -19.64
CA LEU A 245 -0.48 15.43 -19.45
C LEU A 245 -1.16 15.68 -20.78
N ALA A 246 -0.36 15.95 -21.82
CA ALA A 246 -0.93 16.17 -23.15
C ALA A 246 -1.59 14.89 -23.67
N ARG A 247 -1.07 13.73 -23.28
CA ARG A 247 -1.70 12.45 -23.60
C ARG A 247 -2.91 12.24 -22.72
N LYS A 248 -4.09 12.49 -23.26
CA LYS A 248 -5.28 12.42 -22.44
C LYS A 248 -5.73 10.97 -22.24
N THR A 249 -4.86 10.13 -21.70
CA THR A 249 -5.23 8.76 -21.42
C THR A 249 -4.76 8.44 -20.00
N LEU A 250 -5.54 7.67 -19.28
CA LEU A 250 -5.29 7.47 -17.87
C LEU A 250 -5.00 6.00 -17.60
N PRO A 251 -4.27 5.70 -16.52
CA PRO A 251 -4.13 4.30 -16.11
C PRO A 251 -5.47 3.79 -15.61
N ARG A 252 -5.60 2.49 -15.38
CA ARG A 252 -6.85 1.91 -14.90
C ARG A 252 -6.50 0.86 -13.90
N LEU A 253 -7.51 0.33 -13.23
CA LEU A 253 -7.32 -0.72 -12.24
C LEU A 253 -7.81 -2.04 -12.76
N THR A 254 -7.03 -3.10 -12.56
CA THR A 254 -7.53 -4.43 -12.80
C THR A 254 -8.51 -4.82 -11.69
N GLU A 255 -9.16 -5.97 -11.86
CA GLU A 255 -10.05 -6.51 -10.84
C GLU A 255 -9.23 -6.79 -9.57
N GLN A 256 -8.01 -7.25 -9.76
CA GLN A 256 -7.12 -7.53 -8.64
C GLN A 256 -6.63 -6.26 -7.94
N GLY A 257 -7.08 -5.10 -8.41
CA GLY A 257 -6.66 -3.85 -7.81
C GLY A 257 -5.29 -3.38 -8.29
N PHE A 258 -4.73 -4.03 -9.29
CA PHE A 258 -3.42 -3.61 -9.80
C PHE A 258 -3.60 -2.43 -10.74
N VAL A 259 -2.58 -1.60 -10.85
CA VAL A 259 -2.58 -0.50 -11.80
C VAL A 259 -2.00 -0.95 -13.14
N GLU A 260 -2.75 -0.71 -14.21
CA GLU A 260 -2.23 -0.84 -15.56
C GLU A 260 -1.98 0.55 -16.10
N TYR A 261 -0.80 0.78 -16.67
CA TYR A 261 -0.43 2.10 -17.14
C TYR A 261 -1.01 2.40 -18.50
N ALA A 262 -1.23 3.68 -18.78
CA ALA A 262 -1.83 4.08 -20.05
C ALA A 262 -0.80 4.10 -21.16
N ILE A 263 0.43 4.45 -20.82
CA ILE A 263 1.39 4.72 -21.86
C ILE A 263 2.81 4.71 -21.30
N LEU A 264 3.76 4.20 -22.09
CA LEU A 264 5.18 4.34 -21.77
C LEU A 264 5.71 5.55 -22.54
N MET A 265 6.04 6.59 -21.78
CA MET A 265 6.55 7.82 -22.34
C MET A 265 7.94 7.51 -22.86
N PRO A 266 8.33 8.09 -23.96
CA PRO A 266 9.63 7.77 -24.52
C PRO A 266 10.70 8.09 -23.51
N SER A 267 10.52 9.16 -22.76
CA SER A 267 11.33 9.55 -21.63
C SER A 267 11.67 8.48 -20.57
#